data_5N5L
#
_entry.id   5N5L
#
_cell.length_a   97.670
_cell.length_b   97.670
_cell.length_c   80.329
_cell.angle_alpha   90.00
_cell.angle_beta   90.00
_cell.angle_gamma   120.00
#
_symmetry.space_group_name_H-M   'P 65'
#
loop_
_entity.id
_entity.type
_entity.pdbx_description
1 polymer 'Serine/threonine-protein kinase pim-1'
2 polymer Pimtide
3 non-polymer '5-bromanyl-1~{H}-indole-3-carboxylic acid'
4 non-polymer GLYCEROL
5 water water
#
loop_
_entity_poly.entity_id
_entity_poly.type
_entity_poly.pdbx_seq_one_letter_code
_entity_poly.pdbx_strand_id
1 'polypeptide(L)'
;MLLSKINSLAHLRAAPCNDLHATKLAPGKEKEPLESQYQVGPLLGSGGFGSVYSGIRVSDNLPVAIKHVEKDRISDWGEL
PNGTRVPMEVVLLKKVSSGFSGVIRLLDWFERPDSFVLILERPEPVQDLFDFITERGALQEELARSFFWQVLEAVRHCHN
CGVLHRDIKDENILIDLNRGELKLIDFGSGALLKDTVYTDFDGTRVYSPPEWIRYHRYHGRSAAVWSLGILLYDMVCGDI
PFEHDEEIIGGQVFFRQRVS(SEP)ECQHLIRWCLALRPSDRPTFEEIQNHPWMQDVLLPQETAEIHLHSLSPGPSK
;
A
2 'polypeptide(L)' ARKRRRHPSGPPTA B
#
loop_
_chem_comp.id
_chem_comp.type
_chem_comp.name
_chem_comp.formula
8NZ non-polymer '5-bromanyl-1~{H}-indole-3-carboxylic acid' 'C9 H6 Br N O2'
GOL non-polymer GLYCEROL 'C3 H8 O3'
#
# COMPACT_ATOMS: atom_id res chain seq x y z
N PRO A 33 -18.40 -9.64 -22.84
CA PRO A 33 -17.02 -9.81 -23.33
C PRO A 33 -16.10 -8.68 -22.87
N LEU A 34 -14.83 -9.01 -22.61
CA LEU A 34 -13.86 -8.04 -22.14
C LEU A 34 -13.35 -7.14 -23.28
N GLU A 35 -13.23 -7.68 -24.48
CA GLU A 35 -12.59 -6.93 -25.56
C GLU A 35 -13.50 -5.84 -26.11
N SER A 36 -14.81 -5.99 -25.98
CA SER A 36 -15.75 -4.99 -26.47
C SER A 36 -16.12 -3.96 -25.41
N GLN A 37 -15.90 -4.26 -24.13
CA GLN A 37 -16.25 -3.32 -23.07
C GLN A 37 -15.17 -2.29 -22.78
N TYR A 38 -13.91 -2.58 -23.12
CA TYR A 38 -12.80 -1.71 -22.75
C TYR A 38 -11.88 -1.48 -23.94
N GLN A 39 -11.50 -0.23 -24.13
CA GLN A 39 -10.44 0.11 -25.07
C GLN A 39 -9.11 0.04 -24.32
N VAL A 40 -8.17 -0.76 -24.81
CA VAL A 40 -6.91 -1.04 -24.10
C VAL A 40 -5.84 -0.11 -24.61
N GLY A 41 -5.06 0.44 -23.69
CA GLY A 41 -4.00 1.37 -24.02
C GLY A 41 -2.62 0.82 -23.72
N PRO A 42 -1.68 1.71 -23.42
CA PRO A 42 -0.30 1.27 -23.19
C PRO A 42 -0.14 0.50 -21.89
N LEU A 43 0.88 -0.35 -21.86
CA LEU A 43 1.29 -0.99 -20.62
C LEU A 43 1.71 0.07 -19.60
N LEU A 44 1.17 -0.02 -18.39
CA LEU A 44 1.59 0.87 -17.31
C LEU A 44 2.74 0.29 -16.49
N GLY A 45 2.77 -1.02 -16.33
CA GLY A 45 3.83 -1.66 -15.59
C GLY A 45 3.57 -3.14 -15.51
N SER A 46 4.59 -3.86 -15.05
CA SER A 46 4.46 -5.29 -14.83
C SER A 46 5.42 -5.68 -13.73
N GLY A 47 5.09 -6.77 -13.04
CA GLY A 47 5.92 -7.23 -11.94
C GLY A 47 5.28 -8.41 -11.24
N GLY A 48 5.58 -8.53 -9.95
CA GLY A 48 4.94 -9.56 -9.15
C GLY A 48 3.43 -9.46 -9.13
N PHE A 49 2.89 -8.27 -9.37
CA PHE A 49 1.45 -8.05 -9.43
C PHE A 49 0.82 -8.45 -10.77
N GLY A 50 1.62 -8.85 -11.76
CA GLY A 50 1.11 -9.17 -13.09
C GLY A 50 1.47 -8.11 -14.12
N SER A 51 0.63 -7.94 -15.14
CA SER A 51 0.81 -6.91 -16.15
C SER A 51 -0.39 -5.99 -16.14
N VAL A 52 -0.16 -4.68 -16.12
CA VAL A 52 -1.21 -3.69 -15.95
C VAL A 52 -1.17 -2.70 -17.11
N TYR A 53 -2.31 -2.55 -17.80
CA TYR A 53 -2.46 -1.67 -18.94
C TYR A 53 -3.40 -0.53 -18.59
N SER A 54 -3.13 0.63 -19.17
CA SER A 54 -4.10 1.70 -19.17
C SER A 54 -5.27 1.32 -20.05
N GLY A 55 -6.46 1.78 -19.67
CA GLY A 55 -7.64 1.46 -20.45
C GLY A 55 -8.72 2.51 -20.24
N ILE A 56 -9.77 2.36 -21.04
CA ILE A 56 -10.92 3.25 -20.98
C ILE A 56 -12.16 2.39 -21.15
N ARG A 57 -13.13 2.57 -20.25
CA ARG A 57 -14.41 1.86 -20.38
C ARG A 57 -15.20 2.50 -21.50
N VAL A 58 -15.53 1.69 -22.53
CA VAL A 58 -16.11 2.24 -23.75
C VAL A 58 -17.45 2.92 -23.47
N SER A 59 -18.26 2.34 -22.58
CA SER A 59 -19.62 2.82 -22.37
C SER A 59 -19.70 4.23 -21.81
N ASP A 60 -18.66 4.69 -21.11
CA ASP A 60 -18.71 6.04 -20.53
C ASP A 60 -17.35 6.73 -20.46
N ASN A 61 -16.32 6.22 -21.15
CA ASN A 61 -14.98 6.78 -21.16
C ASN A 61 -14.34 6.86 -19.78
N LEU A 62 -14.79 6.06 -18.82
CA LEU A 62 -14.14 6.04 -17.51
C LEU A 62 -12.72 5.50 -17.65
N PRO A 63 -11.71 6.20 -17.14
CA PRO A 63 -10.36 5.63 -17.14
C PRO A 63 -10.26 4.43 -16.21
N VAL A 64 -9.65 3.36 -16.71
CA VAL A 64 -9.50 2.12 -15.95
C VAL A 64 -8.06 1.65 -16.08
N ALA A 65 -7.70 0.73 -15.19
CA ALA A 65 -6.46 -0.04 -15.31
C ALA A 65 -6.85 -1.51 -15.47
N ILE A 66 -6.22 -2.18 -16.43
CA ILE A 66 -6.57 -3.55 -16.79
C ILE A 66 -5.40 -4.44 -16.37
N LYS A 67 -5.61 -5.25 -15.34
CA LYS A 67 -4.55 -6.03 -14.71
C LYS A 67 -4.74 -7.49 -15.05
N HIS A 68 -3.69 -8.10 -15.57
CA HIS A 68 -3.67 -9.51 -15.97
C HIS A 68 -2.79 -10.29 -15.01
N VAL A 69 -3.34 -11.38 -14.48
CA VAL A 69 -2.62 -12.24 -13.55
C VAL A 69 -2.65 -13.65 -14.12
N GLU A 70 -1.48 -14.26 -14.29
CA GLU A 70 -1.42 -15.62 -14.79
C GLU A 70 -1.88 -16.59 -13.72
N LYS A 71 -2.74 -17.54 -14.11
CA LYS A 71 -3.26 -18.52 -13.15
C LYS A 71 -2.13 -19.30 -12.48
N ASP A 72 -1.07 -19.62 -13.23
CA ASP A 72 0.02 -20.42 -12.69
C ASP A 72 0.80 -19.71 -11.59
N ARG A 73 0.63 -18.40 -11.42
CA ARG A 73 1.32 -17.66 -10.37
C ARG A 73 0.46 -17.40 -9.15
N ILE A 74 -0.80 -17.77 -9.18
CA ILE A 74 -1.71 -17.47 -8.07
C ILE A 74 -1.53 -18.53 -7.01
N SER A 75 -0.96 -18.14 -5.86
CA SER A 75 -0.71 -19.06 -4.76
C SER A 75 -1.96 -19.31 -3.93
N ASP A 76 -2.58 -18.24 -3.43
CA ASP A 76 -3.76 -18.34 -2.58
C ASP A 76 -5.02 -18.13 -3.40
N TRP A 77 -5.98 -19.04 -3.25
CA TRP A 77 -7.24 -18.98 -3.94
C TRP A 77 -8.38 -18.81 -2.94
N GLY A 78 -9.49 -18.27 -3.42
CA GLY A 78 -10.66 -18.08 -2.60
C GLY A 78 -11.93 -18.34 -3.39
N GLU A 79 -13.06 -18.22 -2.70
CA GLU A 79 -14.37 -18.39 -3.31
C GLU A 79 -15.23 -17.18 -2.97
N LEU A 80 -16.14 -16.86 -3.88
CA LEU A 80 -17.02 -15.70 -3.70
C LEU A 80 -18.27 -16.06 -2.90
N ASN A 82 -20.83 -17.53 -3.93
CA ASN A 82 -21.28 -18.44 -4.97
C ASN A 82 -20.28 -19.58 -5.17
N GLY A 83 -19.19 -19.55 -4.40
CA GLY A 83 -18.20 -20.61 -4.46
C GLY A 83 -17.37 -20.65 -5.72
N THR A 84 -17.51 -19.65 -6.60
CA THR A 84 -16.65 -19.58 -7.77
C THR A 84 -15.20 -19.37 -7.33
N ARG A 85 -14.31 -20.23 -7.82
CA ARG A 85 -12.91 -20.22 -7.39
C ARG A 85 -12.18 -19.08 -8.08
N VAL A 86 -11.87 -18.03 -7.33
CA VAL A 86 -11.21 -16.84 -7.86
C VAL A 86 -9.91 -16.65 -7.10
N PRO A 87 -8.97 -15.86 -7.65
CA PRO A 87 -7.81 -15.47 -6.86
C PRO A 87 -8.24 -14.80 -5.56
N MET A 88 -7.47 -15.04 -4.50
CA MET A 88 -7.70 -14.33 -3.24
C MET A 88 -7.71 -12.82 -3.45
N GLU A 89 -6.88 -12.32 -4.37
CA GLU A 89 -6.84 -10.88 -4.64
C GLU A 89 -8.22 -10.36 -5.03
N VAL A 90 -8.97 -11.15 -5.80
CA VAL A 90 -10.33 -10.74 -6.16
C VAL A 90 -11.22 -10.74 -4.93
N VAL A 91 -11.09 -11.75 -4.06
CA VAL A 91 -11.88 -11.80 -2.84
C VAL A 91 -11.60 -10.58 -1.98
N LEU A 92 -10.32 -10.22 -1.83
CA LEU A 92 -9.95 -9.10 -0.95
C LEU A 92 -10.42 -7.77 -1.54
N LEU A 93 -10.21 -7.57 -2.84
CA LEU A 93 -10.68 -6.36 -3.51
C LEU A 93 -12.18 -6.18 -3.36
N LYS A 94 -12.95 -7.27 -3.50
CA LYS A 94 -14.40 -7.15 -3.34
C LYS A 94 -14.76 -6.76 -1.92
N LYS A 95 -14.07 -7.32 -0.92
CA LYS A 95 -14.39 -7.00 0.47
C LYS A 95 -14.15 -5.53 0.78
N VAL A 96 -13.14 -4.90 0.16
CA VAL A 96 -12.83 -3.49 0.45
C VAL A 96 -13.44 -2.51 -0.54
N SER A 97 -13.99 -2.99 -1.66
CA SER A 97 -14.43 -2.06 -2.70
C SER A 97 -15.85 -1.59 -2.47
N SER A 98 -16.36 -1.76 -1.25
CA SER A 98 -17.67 -1.26 -0.88
C SER A 98 -17.57 0.23 -0.63
N GLY A 99 -18.13 1.03 -1.54
CA GLY A 99 -18.20 2.45 -1.36
C GLY A 99 -16.96 3.19 -1.81
N PHE A 100 -16.78 4.36 -1.21
CA PHE A 100 -15.67 5.25 -1.53
C PHE A 100 -14.63 5.20 -0.42
N SER A 101 -13.37 5.10 -0.81
CA SER A 101 -12.32 4.98 0.20
C SER A 101 -10.97 5.28 -0.45
N GLY A 102 -9.93 5.18 0.36
CA GLY A 102 -8.57 5.28 -0.13
C GLY A 102 -8.04 3.95 -0.63
N VAL A 103 -8.92 3.06 -1.10
CA VAL A 103 -8.49 1.80 -1.70
C VAL A 103 -8.92 1.79 -3.16
N ILE A 104 -8.06 1.23 -4.02
CA ILE A 104 -8.39 1.08 -5.42
C ILE A 104 -9.66 0.26 -5.55
N ARG A 105 -10.54 0.67 -6.45
CA ARG A 105 -11.86 0.05 -6.60
C ARG A 105 -11.83 -0.96 -7.74
N LEU A 106 -12.18 -2.20 -7.43
CA LEU A 106 -12.35 -3.22 -8.46
C LEU A 106 -13.71 -3.06 -9.12
N LEU A 107 -13.72 -2.78 -10.42
CA LEU A 107 -14.99 -2.55 -11.12
C LEU A 107 -15.58 -3.82 -11.70
N ASP A 108 -14.73 -4.78 -12.06
CA ASP A 108 -15.17 -5.98 -12.77
C ASP A 108 -13.97 -6.91 -12.84
N TRP A 109 -14.23 -8.16 -13.22
CA TRP A 109 -13.16 -9.12 -13.42
C TRP A 109 -13.65 -10.22 -14.35
N PHE A 110 -12.70 -10.87 -15.01
CA PHE A 110 -12.98 -11.91 -16.00
C PHE A 110 -12.02 -13.07 -15.78
N GLU A 111 -12.51 -14.27 -16.08
CA GLU A 111 -11.64 -15.44 -16.14
C GLU A 111 -11.35 -15.78 -17.60
N ARG A 112 -10.09 -16.03 -17.90
CA ARG A 112 -9.62 -16.48 -19.20
C ARG A 112 -9.01 -17.87 -19.01
N PRO A 113 -8.68 -18.59 -20.09
CA PRO A 113 -8.08 -19.93 -19.92
C PRO A 113 -6.89 -20.00 -18.98
N ASP A 114 -5.95 -19.07 -19.07
CA ASP A 114 -4.73 -19.15 -18.28
C ASP A 114 -4.53 -17.95 -17.38
N SER A 115 -5.55 -17.11 -17.18
CA SER A 115 -5.34 -15.87 -16.45
C SER A 115 -6.66 -15.31 -15.96
N PHE A 116 -6.56 -14.39 -15.01
CA PHE A 116 -7.68 -13.56 -14.62
C PHE A 116 -7.37 -12.13 -15.04
N VAL A 117 -8.42 -11.39 -15.40
CA VAL A 117 -8.31 -9.99 -15.78
C VAL A 117 -9.14 -9.18 -14.79
N LEU A 118 -8.50 -8.18 -14.18
CA LEU A 118 -9.12 -7.32 -13.18
C LEU A 118 -9.24 -5.92 -13.74
N ILE A 119 -10.43 -5.33 -13.65
CA ILE A 119 -10.66 -3.94 -14.05
C ILE A 119 -10.70 -3.09 -12.80
N LEU A 120 -9.76 -2.14 -12.71
CA LEU A 120 -9.63 -1.26 -11.57
C LEU A 120 -9.88 0.18 -12.01
N GLU A 121 -10.46 0.98 -11.13
CA GLU A 121 -10.65 2.38 -11.47
C GLU A 121 -9.30 3.08 -11.47
N ARG A 122 -9.07 3.96 -12.46
CA ARG A 122 -7.77 4.57 -12.62
C ARG A 122 -7.83 6.07 -12.38
N PRO A 123 -7.14 6.59 -11.38
CA PRO A 123 -7.08 8.05 -11.20
C PRO A 123 -6.26 8.68 -12.30
N GLU A 124 -6.62 9.91 -12.65
CA GLU A 124 -5.92 10.65 -13.68
C GLU A 124 -6.06 12.15 -13.44
N PRO A 125 -4.94 12.87 -13.32
CA PRO A 125 -3.56 12.39 -13.39
C PRO A 125 -3.11 11.69 -12.10
N VAL A 126 -2.18 10.75 -12.24
CA VAL A 126 -1.75 9.91 -11.12
C VAL A 126 -0.23 9.78 -11.15
N GLN A 127 0.36 9.63 -9.96
CA GLN A 127 1.75 9.21 -9.82
C GLN A 127 1.84 8.34 -8.58
N ASP A 128 2.62 7.26 -8.66
CA ASP A 128 2.75 6.45 -7.47
C ASP A 128 3.71 7.14 -6.49
N LEU A 129 3.58 6.78 -5.22
CA LEU A 129 4.30 7.50 -4.18
C LEU A 129 5.81 7.22 -4.24
N PHE A 130 6.21 6.07 -4.76
CA PHE A 130 7.66 5.83 -4.91
C PHE A 130 8.27 6.85 -5.86
N ASP A 131 7.69 7.00 -7.05
CA ASP A 131 8.23 7.96 -8.02
C ASP A 131 8.13 9.39 -7.50
N PHE A 132 7.05 9.70 -6.76
CA PHE A 132 6.86 11.03 -6.20
C PHE A 132 7.99 11.39 -5.25
N ILE A 133 8.34 10.47 -4.36
CA ILE A 133 9.41 10.71 -3.39
C ILE A 133 10.77 10.74 -4.07
N THR A 134 10.98 9.90 -5.09
CA THR A 134 12.21 9.99 -5.87
C THR A 134 12.38 11.39 -6.47
N GLU A 135 11.30 11.92 -7.06
CA GLU A 135 11.43 13.21 -7.73
C GLU A 135 11.47 14.38 -6.74
N ARG A 136 10.71 14.31 -5.66
CA ARG A 136 10.64 15.41 -4.71
C ARG A 136 11.72 15.36 -3.63
N GLY A 137 12.31 14.20 -3.38
CA GLY A 137 13.16 14.03 -2.21
C GLY A 137 12.32 13.88 -0.96
N ALA A 138 12.98 14.01 0.21
CA ALA A 138 12.26 13.99 1.49
C ALA A 138 11.11 15.00 1.49
N LEU A 139 9.95 14.56 1.96
CA LEU A 139 8.74 15.38 1.95
C LEU A 139 8.67 16.26 3.19
N GLN A 140 8.29 17.52 3.00
CA GLN A 140 7.91 18.37 4.13
C GLN A 140 6.96 17.62 5.05
N GLU A 141 7.11 17.82 6.37
CA GLU A 141 6.33 17.02 7.30
C GLU A 141 4.83 17.27 7.16
N GLU A 142 4.42 18.49 6.80
CA GLU A 142 2.99 18.75 6.59
C GLU A 142 2.42 17.85 5.49
N LEU A 143 3.20 17.62 4.44
CA LEU A 143 2.74 16.75 3.36
C LEU A 143 2.83 15.28 3.74
N ALA A 144 3.90 14.91 4.45
CA ALA A 144 3.99 13.53 4.93
C ALA A 144 2.85 13.23 5.89
N ARG A 145 2.50 14.18 6.76
CA ARG A 145 1.39 13.98 7.69
C ARG A 145 0.09 13.72 6.94
N SER A 146 -0.21 14.52 5.91
CA SER A 146 -1.42 14.32 5.13
C SER A 146 -1.42 12.96 4.47
N PHE A 147 -0.35 12.63 3.74
CA PHE A 147 -0.24 11.33 3.09
C PHE A 147 -0.34 10.19 4.10
N PHE A 148 0.43 10.28 5.19
CA PHE A 148 0.43 9.18 6.17
C PHE A 148 -0.96 9.01 6.79
N TRP A 149 -1.64 10.11 7.10
CA TRP A 149 -2.99 10.05 7.64
C TRP A 149 -3.93 9.28 6.71
N GLN A 150 -3.90 9.62 5.40
CA GLN A 150 -4.79 8.95 4.45
C GLN A 150 -4.44 7.47 4.32
N VAL A 151 -3.15 7.12 4.37
CA VAL A 151 -2.81 5.71 4.34
C VAL A 151 -3.34 5.00 5.57
N LEU A 152 -3.21 5.61 6.75
CA LEU A 152 -3.79 5.03 7.96
C LEU A 152 -5.29 4.80 7.79
N GLU A 153 -6.00 5.80 7.27
CA GLU A 153 -7.45 5.65 7.09
C GLU A 153 -7.76 4.51 6.13
N ALA A 154 -6.96 4.39 5.06
CA ALA A 154 -7.16 3.30 4.09
C ALA A 154 -6.90 1.94 4.72
N VAL A 155 -5.84 1.82 5.52
CA VAL A 155 -5.49 0.54 6.12
C VAL A 155 -6.51 0.17 7.19
N ARG A 156 -7.01 1.15 7.93
CA ARG A 156 -8.10 0.89 8.87
C ARG A 156 -9.31 0.34 8.13
N HIS A 157 -9.59 0.90 6.95
CA HIS A 157 -10.74 0.44 6.16
C HIS A 157 -10.54 -1.01 5.74
N CYS A 158 -9.35 -1.35 5.23
CA CYS A 158 -9.05 -2.74 4.92
C CYS A 158 -9.30 -3.64 6.13
N HIS A 159 -8.71 -3.29 7.28
CA HIS A 159 -8.85 -4.14 8.45
C HIS A 159 -10.31 -4.23 8.91
N ASN A 160 -11.06 -3.13 8.83
CA ASN A 160 -12.49 -3.16 9.14
C ASN A 160 -13.24 -4.12 8.22
N CYS A 161 -12.78 -4.28 6.98
CA CYS A 161 -13.42 -5.17 6.02
C CYS A 161 -12.86 -6.58 6.05
N GLY A 162 -11.99 -6.90 7.01
CA GLY A 162 -11.47 -8.25 7.12
C GLY A 162 -10.29 -8.55 6.22
N VAL A 163 -9.58 -7.52 5.77
CA VAL A 163 -8.55 -7.65 4.74
C VAL A 163 -7.23 -7.11 5.27
N LEU A 164 -6.17 -7.91 5.14
CA LEU A 164 -4.81 -7.53 5.51
C LEU A 164 -4.00 -7.40 4.22
N HIS A 165 -3.42 -6.22 3.98
CA HIS A 165 -2.81 -5.96 2.68
C HIS A 165 -1.48 -6.70 2.54
N ARG A 166 -0.63 -6.65 3.57
CA ARG A 166 0.67 -7.33 3.67
C ARG A 166 1.73 -6.83 2.70
N ASP A 167 1.50 -5.71 2.01
CA ASP A 167 2.55 -5.17 1.15
C ASP A 167 2.43 -3.65 1.08
N ILE A 168 2.21 -3.01 2.23
CA ILE A 168 2.15 -1.56 2.28
C ILE A 168 3.55 -1.02 1.98
N LYS A 169 3.66 -0.18 0.96
CA LYS A 169 4.92 0.48 0.59
C LYS A 169 4.58 1.63 -0.35
N ASP A 170 5.56 2.54 -0.56
CA ASP A 170 5.28 3.69 -1.41
C ASP A 170 4.91 3.25 -2.83
N GLU A 171 5.54 2.17 -3.33
CA GLU A 171 5.23 1.67 -4.67
C GLU A 171 3.78 1.26 -4.82
N ASN A 172 3.13 0.86 -3.73
CA ASN A 172 1.75 0.40 -3.79
C ASN A 172 0.75 1.47 -3.34
N ILE A 173 1.12 2.75 -3.45
CA ILE A 173 0.24 3.86 -3.15
C ILE A 173 0.20 4.78 -4.37
N LEU A 174 -1.00 5.06 -4.89
CA LEU A 174 -1.16 6.00 -5.99
C LEU A 174 -1.63 7.35 -5.44
N ILE A 175 -1.10 8.43 -6.01
CA ILE A 175 -1.53 9.79 -5.66
C ILE A 175 -2.40 10.34 -6.78
N ASP A 176 -3.65 10.64 -6.47
CA ASP A 176 -4.49 11.45 -7.35
C ASP A 176 -4.01 12.89 -7.22
N LEU A 177 -3.29 13.37 -8.23
CA LEU A 177 -2.61 14.66 -8.12
C LEU A 177 -3.58 15.83 -8.13
N ASN A 178 -4.76 15.68 -8.74
CA ASN A 178 -5.71 16.78 -8.72
C ASN A 178 -6.53 16.81 -7.43
N ARG A 179 -6.93 15.64 -6.92
CA ARG A 179 -7.76 15.60 -5.72
C ARG A 179 -6.94 15.52 -4.42
N GLY A 180 -5.64 15.23 -4.51
CA GLY A 180 -4.85 15.09 -3.30
C GLY A 180 -5.24 13.88 -2.47
N GLU A 181 -5.75 12.82 -3.11
CA GLU A 181 -6.18 11.61 -2.45
C GLU A 181 -5.24 10.47 -2.80
N LEU A 182 -4.89 9.66 -1.79
CA LEU A 182 -4.04 8.49 -1.96
C LEU A 182 -4.89 7.23 -2.05
N LYS A 183 -4.47 6.28 -2.90
CA LYS A 183 -5.17 5.02 -3.13
C LYS A 183 -4.21 3.85 -2.96
N LEU A 184 -4.58 2.89 -2.11
CA LEU A 184 -3.81 1.67 -1.93
C LEU A 184 -4.08 0.70 -3.07
N ILE A 185 -3.02 0.10 -3.64
CA ILE A 185 -3.17 -0.84 -4.76
C ILE A 185 -2.45 -2.14 -4.43
N ASP A 186 -2.62 -3.12 -5.33
CA ASP A 186 -1.87 -4.38 -5.36
C ASP A 186 -2.06 -5.19 -4.08
N PHE A 187 -3.25 -5.77 -3.98
CA PHE A 187 -3.62 -6.65 -2.88
C PHE A 187 -3.20 -8.10 -3.10
N GLY A 188 -2.33 -8.38 -4.09
CA GLY A 188 -2.00 -9.75 -4.45
C GLY A 188 -1.15 -10.49 -3.45
N SER A 189 -0.54 -9.80 -2.49
CA SER A 189 0.14 -10.45 -1.39
C SER A 189 -0.70 -10.52 -0.13
N GLY A 190 -1.95 -10.04 -0.17
CA GLY A 190 -2.77 -9.93 1.01
C GLY A 190 -3.38 -11.25 1.47
N ALA A 191 -4.18 -11.15 2.53
CA ALA A 191 -4.81 -12.30 3.15
C ALA A 191 -6.05 -11.84 3.90
N LEU A 192 -6.95 -12.78 4.16
CA LEU A 192 -8.00 -12.50 5.13
C LEU A 192 -7.34 -12.15 6.46
N LEU A 193 -7.82 -11.10 7.10
CA LEU A 193 -7.31 -10.73 8.41
C LEU A 193 -7.73 -11.78 9.45
N LYS A 194 -6.78 -12.24 10.24
CA LYS A 194 -7.04 -13.17 11.33
C LYS A 194 -6.26 -12.72 12.56
N ASP A 195 -6.60 -13.30 13.72
CA ASP A 195 -5.94 -12.98 14.98
C ASP A 195 -4.86 -13.99 15.36
N THR A 196 -4.76 -15.10 14.65
CA THR A 196 -3.73 -16.09 14.89
C THR A 196 -2.49 -15.76 14.05
N VAL A 197 -1.43 -16.52 14.24
CA VAL A 197 -0.13 -16.17 13.66
C VAL A 197 -0.11 -16.45 12.17
N TYR A 198 0.54 -15.57 11.40
CA TYR A 198 0.86 -15.84 10.00
C TYR A 198 2.27 -16.43 9.91
N THR A 199 2.42 -17.46 9.08
CA THR A 199 3.72 -18.11 8.87
C THR A 199 4.13 -18.14 7.41
N ASP A 200 3.35 -17.50 6.53
CA ASP A 200 3.67 -17.33 5.13
C ASP A 200 3.75 -15.83 4.85
N PHE A 201 4.57 -15.44 3.86
CA PHE A 201 4.67 -14.03 3.51
C PHE A 201 5.32 -13.90 2.14
N ASP A 202 4.69 -13.10 1.26
CA ASP A 202 5.22 -12.81 -0.07
C ASP A 202 5.24 -11.31 -0.36
N GLY A 203 5.11 -10.46 0.66
CA GLY A 203 5.21 -9.02 0.48
C GLY A 203 6.66 -8.60 0.29
N THR A 204 6.94 -7.33 0.53
CA THR A 204 8.27 -6.76 0.30
C THR A 204 9.14 -6.89 1.54
N ARG A 205 10.29 -7.56 1.39
CA ARG A 205 11.08 -7.94 2.56
C ARG A 205 11.59 -6.72 3.34
N VAL A 206 11.99 -5.65 2.65
CA VAL A 206 12.53 -4.49 3.37
C VAL A 206 11.45 -3.70 4.11
N TYR A 207 10.17 -4.00 3.89
CA TYR A 207 9.09 -3.47 4.73
C TYR A 207 8.57 -4.51 5.73
N SER A 208 9.18 -5.75 5.75
CA SER A 208 8.70 -6.79 6.63
C SER A 208 9.33 -6.68 8.02
N PRO A 209 8.64 -7.15 9.05
CA PRO A 209 9.07 -6.86 10.42
C PRO A 209 10.14 -7.83 10.89
N PRO A 210 10.85 -7.50 11.96
CA PRO A 210 11.96 -8.36 12.40
C PRO A 210 11.51 -9.73 12.87
N GLU A 211 10.30 -9.86 13.40
CA GLU A 211 9.82 -11.18 13.81
C GLU A 211 9.62 -12.10 12.60
N TRP A 212 9.31 -11.53 11.44
CA TRP A 212 9.28 -12.33 10.21
C TRP A 212 10.69 -12.76 9.81
N ILE A 213 11.63 -11.80 9.77
CA ILE A 213 13.02 -12.11 9.42
C ILE A 213 13.58 -13.18 10.36
N ARG A 214 13.35 -13.03 11.67
CA ARG A 214 13.97 -13.92 12.64
C ARG A 214 13.28 -15.27 12.72
N TYR A 215 11.94 -15.27 12.76
CA TYR A 215 11.16 -16.44 13.15
C TYR A 215 10.18 -16.93 12.10
N HIS A 216 10.03 -16.21 10.98
CA HIS A 216 8.99 -16.52 9.99
C HIS A 216 7.62 -16.62 10.64
N ARG A 217 7.36 -15.71 11.57
CA ARG A 217 6.08 -15.58 12.27
C ARG A 217 5.78 -14.11 12.47
N TYR A 218 4.50 -13.73 12.30
CA TYR A 218 4.07 -12.37 12.59
C TYR A 218 2.55 -12.37 12.76
N HIS A 219 2.06 -11.32 13.40
CA HIS A 219 0.62 -11.12 13.49
C HIS A 219 0.27 -9.92 12.63
N GLY A 220 -0.98 -9.89 12.13
CA GLY A 220 -1.29 -9.01 11.01
C GLY A 220 -1.16 -7.53 11.34
N ARG A 221 -1.81 -7.10 12.43
N ARG A 221 -1.80 -7.10 12.43
CA ARG A 221 -1.87 -5.67 12.74
CA ARG A 221 -1.86 -5.65 12.69
C ARG A 221 -0.50 -5.11 13.09
C ARG A 221 -0.51 -5.09 13.12
N SER A 222 0.22 -5.80 13.99
CA SER A 222 1.54 -5.30 14.40
C SER A 222 2.53 -5.33 13.24
N ALA A 223 2.43 -6.31 12.33
CA ALA A 223 3.29 -6.28 11.15
C ALA A 223 2.94 -5.13 10.21
N ALA A 224 1.64 -4.83 10.08
CA ALA A 224 1.20 -3.68 9.29
C ALA A 224 1.78 -2.38 9.86
N VAL A 225 1.76 -2.24 11.18
CA VAL A 225 2.27 -1.03 11.83
C VAL A 225 3.76 -0.88 11.57
N TRP A 226 4.50 -1.99 11.58
CA TRP A 226 5.93 -1.93 11.23
C TRP A 226 6.11 -1.36 9.83
N SER A 227 5.37 -1.89 8.84
CA SER A 227 5.53 -1.40 7.47
C SER A 227 5.16 0.06 7.36
N LEU A 228 4.22 0.52 8.20
CA LEU A 228 3.83 1.93 8.21
C LEU A 228 4.94 2.80 8.79
N GLY A 229 5.66 2.29 9.80
CA GLY A 229 6.84 3.00 10.27
C GLY A 229 7.93 3.12 9.20
N ILE A 230 8.16 2.06 8.44
CA ILE A 230 9.08 2.12 7.29
C ILE A 230 8.61 3.17 6.30
N LEU A 231 7.31 3.15 5.98
CA LEU A 231 6.74 4.09 5.02
C LEU A 231 6.91 5.54 5.49
N LEU A 232 6.70 5.80 6.79
CA LEU A 232 6.78 7.17 7.28
C LEU A 232 8.22 7.68 7.26
N TYR A 233 9.18 6.84 7.67
CA TYR A 233 10.58 7.19 7.51
C TYR A 233 10.89 7.53 6.05
N ASP A 234 10.42 6.67 5.15
CA ASP A 234 10.57 6.85 3.70
C ASP A 234 10.09 8.23 3.27
N MET A 235 8.90 8.63 3.73
CA MET A 235 8.36 9.94 3.35
C MET A 235 9.22 11.09 3.88
N VAL A 236 9.60 11.06 5.15
CA VAL A 236 10.27 12.23 5.70
C VAL A 236 11.78 12.21 5.52
N CYS A 237 12.37 11.08 5.12
CA CYS A 237 13.81 11.03 4.87
C CYS A 237 14.18 10.84 3.41
N GLY A 238 13.22 10.52 2.54
CA GLY A 238 13.49 10.36 1.12
C GLY A 238 13.82 8.96 0.68
N ASP A 239 14.05 8.04 1.61
CA ASP A 239 14.23 6.63 1.29
C ASP A 239 14.01 5.83 2.57
N ILE A 240 13.81 4.53 2.41
CA ILE A 240 13.54 3.63 3.52
C ILE A 240 14.77 3.52 4.40
N PRO A 241 14.62 3.15 5.68
CA PRO A 241 15.78 3.12 6.57
C PRO A 241 16.64 1.87 6.43
N PHE A 242 16.04 0.73 6.07
CA PHE A 242 16.75 -0.55 6.12
C PHE A 242 16.76 -1.18 4.74
N GLU A 243 17.92 -1.73 4.36
CA GLU A 243 18.03 -2.56 3.17
C GLU A 243 18.38 -4.01 3.47
N HIS A 244 19.01 -4.30 4.61
CA HIS A 244 19.54 -5.62 4.90
C HIS A 244 18.89 -6.21 6.15
N ASP A 245 18.84 -7.54 6.20
CA ASP A 245 18.22 -8.23 7.33
C ASP A 245 18.81 -7.76 8.66
N GLU A 246 20.14 -7.56 8.70
CA GLU A 246 20.78 -7.17 9.95
C GLU A 246 20.32 -5.81 10.43
N GLU A 247 20.00 -4.91 9.50
CA GLU A 247 19.44 -3.60 9.88
C GLU A 247 18.01 -3.72 10.35
N ILE A 248 17.21 -4.54 9.66
CA ILE A 248 15.81 -4.74 10.09
C ILE A 248 15.75 -5.22 11.52
N ILE A 249 16.58 -6.21 11.88
CA ILE A 249 16.50 -6.78 13.21
C ILE A 249 17.32 -6.02 14.23
N GLY A 250 18.18 -5.10 13.80
CA GLY A 250 19.11 -4.46 14.74
C GLY A 250 18.47 -3.45 15.68
N GLY A 251 17.37 -2.82 15.26
CA GLY A 251 16.67 -1.92 16.16
C GLY A 251 17.28 -0.56 16.36
N GLN A 252 18.02 -0.03 15.38
CA GLN A 252 18.55 1.32 15.45
C GLN A 252 18.06 2.12 14.24
N VAL A 253 17.42 3.25 14.51
CA VAL A 253 16.89 4.11 13.45
C VAL A 253 17.75 5.36 13.41
N PHE A 254 18.59 5.47 12.39
CA PHE A 254 19.38 6.67 12.17
C PHE A 254 18.61 7.58 11.22
N PHE A 255 18.49 8.85 11.58
CA PHE A 255 17.78 9.82 10.74
C PHE A 255 18.76 10.57 9.85
N ARG A 256 18.61 10.40 8.53
CA ARG A 256 19.49 10.97 7.53
C ARG A 256 19.03 12.34 7.05
N GLN A 257 17.87 12.78 7.51
CA GLN A 257 17.34 14.11 7.21
C GLN A 257 16.94 14.74 8.52
N ARG A 258 16.82 16.07 8.52
N ARG A 258 16.84 16.07 8.53
CA ARG A 258 16.26 16.77 9.66
CA ARG A 258 16.26 16.76 9.66
C ARG A 258 14.79 16.38 9.80
C ARG A 258 14.80 16.34 9.79
N VAL A 259 14.44 15.74 10.91
CA VAL A 259 13.07 15.31 11.19
C VAL A 259 12.72 15.73 12.62
N SER A 260 11.52 16.28 12.80
CA SER A 260 11.09 16.78 14.11
C SER A 260 11.14 15.67 15.14
N SEP A 261 11.37 16.07 16.40
CA SEP A 261 11.41 15.12 17.50
CB SEP A 261 11.67 15.88 18.80
OG SEP A 261 12.97 16.47 18.77
C SEP A 261 10.11 14.31 17.59
O SEP A 261 10.15 13.11 17.89
P SEP A 261 12.98 18.09 18.67
O1P SEP A 261 12.35 18.77 19.99
O2P SEP A 261 14.53 18.59 18.57
O3P SEP A 261 12.09 18.57 17.40
N GLU A 262 8.98 14.96 17.35
CA GLU A 262 7.68 14.28 17.44
C GLU A 262 7.55 13.18 16.36
N CYS A 263 7.94 13.53 15.12
CA CYS A 263 7.89 12.55 14.04
C CYS A 263 8.85 11.40 14.29
N GLN A 264 10.08 11.72 14.72
CA GLN A 264 11.05 10.68 15.07
C GLN A 264 10.49 9.73 16.11
N HIS A 265 9.80 10.26 17.12
CA HIS A 265 9.24 9.42 18.16
C HIS A 265 8.19 8.47 17.58
N LEU A 266 7.31 8.99 16.74
CA LEU A 266 6.28 8.13 16.14
C LEU A 266 6.90 7.04 15.29
N ILE A 267 7.90 7.39 14.48
CA ILE A 267 8.57 6.39 13.65
C ILE A 267 9.19 5.31 14.52
N ARG A 268 9.96 5.72 15.53
CA ARG A 268 10.65 4.74 16.37
C ARG A 268 9.64 3.87 17.13
N TRP A 269 8.48 4.42 17.44
CA TRP A 269 7.44 3.63 18.11
C TRP A 269 6.86 2.57 17.16
N CYS A 270 6.54 2.97 15.93
CA CYS A 270 6.10 2.00 14.92
C CYS A 270 7.15 0.94 14.64
N LEU A 271 8.44 1.28 14.76
CA LEU A 271 9.51 0.35 14.50
C LEU A 271 10.05 -0.29 15.78
N ALA A 272 9.24 -0.38 16.84
CA ALA A 272 9.64 -1.15 18.01
C ALA A 272 9.95 -2.58 17.60
N LEU A 273 11.06 -3.11 18.12
CA LEU A 273 11.45 -4.48 17.77
C LEU A 273 10.42 -5.50 18.26
N ARG A 274 9.91 -5.32 19.48
CA ARG A 274 8.90 -6.23 20.00
C ARG A 274 7.52 -5.83 19.47
N PRO A 275 6.79 -6.74 18.81
CA PRO A 275 5.51 -6.35 18.19
C PRO A 275 4.51 -5.73 19.17
N SER A 276 4.44 -6.26 20.40
CA SER A 276 3.53 -5.72 21.39
C SER A 276 3.93 -4.33 21.88
N ASP A 277 5.14 -3.86 21.57
CA ASP A 277 5.55 -2.49 21.89
C ASP A 277 5.14 -1.47 20.84
N ARG A 278 4.57 -1.91 19.71
CA ARG A 278 4.18 -1.00 18.64
C ARG A 278 2.82 -0.39 18.95
N PRO A 279 2.56 0.82 18.46
CA PRO A 279 1.26 1.45 18.67
C PRO A 279 0.15 0.78 17.87
N THR A 280 -1.06 0.87 18.41
CA THR A 280 -2.27 0.58 17.63
C THR A 280 -2.51 1.70 16.62
N PHE A 281 -3.41 1.43 15.65
CA PHE A 281 -3.78 2.48 14.71
C PHE A 281 -4.35 3.69 15.45
N GLU A 282 -5.11 3.45 16.52
CA GLU A 282 -5.66 4.55 17.31
C GLU A 282 -4.55 5.38 17.94
N GLU A 283 -3.52 4.72 18.49
CA GLU A 283 -2.43 5.46 19.10
C GLU A 283 -1.62 6.22 18.07
N ILE A 284 -1.45 5.67 16.87
CA ILE A 284 -0.79 6.41 15.80
C ILE A 284 -1.56 7.68 15.48
N GLN A 285 -2.86 7.55 15.23
CA GLN A 285 -3.63 8.72 14.82
C GLN A 285 -3.85 9.71 15.96
N ASN A 286 -3.73 9.29 17.21
CA ASN A 286 -3.76 10.21 18.34
C ASN A 286 -2.39 10.79 18.68
N HIS A 287 -1.34 10.38 17.98
CA HIS A 287 0.00 10.87 18.30
C HIS A 287 0.09 12.37 18.06
N PRO A 288 0.83 13.11 18.90
CA PRO A 288 0.97 14.56 18.69
C PRO A 288 1.40 14.95 17.28
N TRP A 289 2.29 14.18 16.65
CA TRP A 289 2.73 14.56 15.30
C TRP A 289 1.60 14.51 14.27
N MET A 290 0.54 13.75 14.54
CA MET A 290 -0.53 13.57 13.56
C MET A 290 -1.63 14.62 13.65
N GLN A 291 -1.58 15.55 14.58
N GLN A 291 -1.53 15.56 14.58
CA GLN A 291 -2.73 16.43 14.74
CA GLN A 291 -2.55 16.58 14.79
C GLN A 291 -2.69 17.57 13.73
C GLN A 291 -2.67 17.51 13.58
N ASP A 292 -3.88 18.07 13.42
CA ASP A 292 -4.11 19.19 12.48
C ASP A 292 -3.74 18.83 11.04
N VAL A 293 -4.18 17.65 10.60
CA VAL A 293 -3.90 17.18 9.25
C VAL A 293 -4.63 18.06 8.23
N LEU A 294 -3.99 18.27 7.09
CA LEU A 294 -4.63 18.94 5.96
C LEU A 294 -5.73 18.07 5.36
N LEU A 295 -6.78 18.71 4.85
CA LEU A 295 -7.74 18.02 4.02
C LEU A 295 -7.10 17.60 2.70
N PRO A 296 -7.65 16.58 2.02
CA PRO A 296 -7.08 16.20 0.72
C PRO A 296 -7.01 17.36 -0.28
N GLN A 297 -8.07 18.16 -0.39
CA GLN A 297 -8.07 19.23 -1.40
C GLN A 297 -7.06 20.32 -1.05
N GLU A 298 -6.92 20.63 0.24
CA GLU A 298 -5.85 21.54 0.67
C GLU A 298 -4.47 20.99 0.33
N THR A 299 -4.28 19.68 0.53
CA THR A 299 -3.00 19.06 0.21
C THR A 299 -2.66 19.23 -1.27
N ALA A 300 -3.63 18.95 -2.15
CA ALA A 300 -3.43 19.17 -3.58
C ALA A 300 -3.10 20.63 -3.88
N GLU A 301 -3.89 21.56 -3.34
CA GLU A 301 -3.68 22.96 -3.69
C GLU A 301 -2.34 23.47 -3.19
N ILE A 302 -1.90 23.01 -2.01
CA ILE A 302 -0.66 23.54 -1.43
C ILE A 302 0.56 22.84 -2.00
N HIS A 303 0.48 21.53 -2.23
CA HIS A 303 1.67 20.72 -2.50
C HIS A 303 1.70 20.07 -3.86
N LEU A 304 0.57 19.91 -4.54
CA LEU A 304 0.54 19.10 -5.75
C LEU A 304 0.21 19.87 -7.03
N HIS A 305 -0.64 20.89 -6.98
CA HIS A 305 -1.06 21.58 -8.21
C HIS A 305 0.06 22.43 -8.80
N ARG B 2 23.00 8.49 -2.89
CA ARG B 2 22.71 7.16 -2.36
C ARG B 2 21.61 6.46 -3.17
N LYS B 3 21.86 5.20 -3.56
CA LYS B 3 21.02 4.52 -4.52
C LYS B 3 19.68 4.13 -3.89
N ARG B 4 18.63 4.82 -4.30
CA ARG B 4 17.26 4.45 -3.95
C ARG B 4 16.72 3.52 -5.03
N ARG B 5 16.04 2.45 -4.60
CA ARG B 5 15.57 1.47 -5.57
C ARG B 5 14.22 0.91 -5.14
N ARG B 6 13.47 0.43 -6.13
CA ARG B 6 12.30 -0.37 -5.85
C ARG B 6 12.75 -1.74 -5.35
N HIS B 7 11.80 -2.47 -4.76
CA HIS B 7 12.05 -3.80 -4.24
C HIS B 7 10.89 -4.68 -4.69
N PRO B 8 11.16 -5.87 -5.19
CA PRO B 8 10.06 -6.73 -5.69
C PRO B 8 9.28 -7.37 -4.56
N SER B 9 8.06 -7.79 -4.91
CA SER B 9 7.22 -8.60 -4.04
C SER B 9 6.45 -9.60 -4.90
N GLY B 10 5.74 -10.51 -4.23
CA GLY B 10 4.98 -11.54 -4.91
C GLY B 10 5.78 -12.81 -5.19
C2 8NZ C . 1.15 -0.13 -12.24
C3 8NZ C . 0.01 -0.63 -11.40
C4 8NZ C . -0.01 -1.77 -10.64
C5 8NZ C . -2.05 -0.88 -10.44
C6 8NZ C . -3.38 -0.60 -10.14
C7 8NZ C . -3.96 0.54 -10.66
C8 8NZ C . -3.20 1.38 -11.48
O1 8NZ C . 2.26 -0.86 -12.09
BR 8NZ C . -3.99 2.98 -12.14
C9 8NZ C . -1.89 1.11 -11.80
C10 8NZ C . -1.30 -0.03 -11.28
N 8NZ C . -1.24 -1.93 -10.06
O2 8NZ C . 1.10 0.82 -12.98
C1 GOL D . 20.51 1.43 9.33
O1 GOL D . 20.18 0.60 10.41
C2 GOL D . 19.53 2.60 9.26
O2 GOL D . 19.27 3.10 10.55
C3 GOL D . 20.13 3.72 8.40
O3 GOL D . 19.17 4.75 8.26
#